data_8GZF
#
_entry.id   8GZF
#
_cell.length_a   109.807
_cell.length_b   109.807
_cell.length_c   120.344
_cell.angle_alpha   90.00
_cell.angle_beta   90.00
_cell.angle_gamma   120.00
#
_symmetry.space_group_name_H-M   'P 61'
#
loop_
_entity.id
_entity.type
_entity.pdbx_description
1 polymer 'Protein-L-histidine N-pros-methyltransferase'
2 non-polymer S-ADENOSYL-L-HOMOCYSTEINE
3 water water
#
_entity_poly.entity_id   1
_entity_poly.type   'polypeptide(L)'
_entity_poly.pdbx_seq_one_letter_code
;NHQWYVCNREKLCESLQAVFVQSYLDQGTQIFLNNSIEKSGWLFIQLYHSFVSSVFSLFMSRTSINGLLGRGSMFVFSPD
QFQRLLKINPDWKTHRLLDLGAGDGEVTKIMSPHFEEIYATELSETMIWQLQKKKYRVLGINEWQNTGFQYDVISCLNLL
DRCDQPLTLLKDIRSVLEPTRGRVILALVLPFHPYVENVGGKWEKPSEILEIKGQNWEEQVNSLPEVFRKAGFVIEAFTR
LPYLCEGDMYNDYYVLDDAVFVLKPV
;
_entity_poly.pdbx_strand_id   A,B
#
# COMPACT_ATOMS: atom_id res chain seq x y z
N ASN A 1 -17.69 1.02 13.66
CA ASN A 1 -19.03 1.58 13.56
C ASN A 1 -19.02 3.06 13.21
N HIS A 2 -18.98 3.93 14.22
CA HIS A 2 -19.15 5.35 13.99
C HIS A 2 -18.03 5.95 13.14
N GLN A 3 -16.84 5.34 13.16
CA GLN A 3 -15.72 5.91 12.42
C GLN A 3 -15.94 5.88 10.92
N TRP A 4 -16.80 4.97 10.42
CA TRP A 4 -17.08 4.88 8.98
C TRP A 4 -18.05 5.95 8.51
N TYR A 5 -18.90 6.47 9.39
CA TYR A 5 -19.99 7.34 9.01
C TYR A 5 -19.86 8.77 9.51
N VAL A 6 -19.04 9.00 10.53
CA VAL A 6 -18.98 10.33 11.15
C VAL A 6 -18.27 11.30 10.22
N CYS A 7 -18.61 12.58 10.37
CA CYS A 7 -18.07 13.63 9.53
C CYS A 7 -17.91 14.90 10.35
N ASN A 8 -16.81 15.63 10.12
CA ASN A 8 -16.61 16.94 10.73
C ASN A 8 -17.33 17.96 9.85
N ARG A 9 -18.62 18.14 10.14
CA ARG A 9 -19.45 18.98 9.28
C ARG A 9 -19.01 20.42 9.26
N GLU A 10 -18.27 20.87 10.27
CA GLU A 10 -17.78 22.25 10.31
C GLU A 10 -16.71 22.50 9.26
N LYS A 11 -16.04 21.46 8.76
CA LYS A 11 -15.02 21.63 7.73
C LYS A 11 -15.59 21.65 6.32
N LEU A 12 -16.86 21.34 6.14
CA LEU A 12 -17.48 21.38 4.82
C LEU A 12 -17.84 22.81 4.45
N CYS A 13 -17.80 23.08 3.14
CA CYS A 13 -18.15 24.41 2.66
C CYS A 13 -19.66 24.63 2.75
N GLU A 14 -20.06 25.88 2.45
CA GLU A 14 -21.45 26.29 2.64
C GLU A 14 -22.42 25.40 1.87
N SER A 15 -22.13 25.17 0.58
CA SER A 15 -23.03 24.37 -0.24
C SER A 15 -23.22 22.97 0.33
N LEU A 16 -22.13 22.35 0.81
CA LEU A 16 -22.16 20.94 1.19
C LEU A 16 -22.81 20.72 2.56
N GLN A 17 -22.66 21.65 3.49
CA GLN A 17 -23.23 21.47 4.82
C GLN A 17 -24.75 21.37 4.77
N ALA A 18 -25.39 21.92 3.74
CA ALA A 18 -26.84 21.88 3.66
C ALA A 18 -27.35 20.54 3.13
N VAL A 19 -26.62 19.92 2.20
CA VAL A 19 -27.09 18.71 1.53
C VAL A 19 -26.48 17.45 2.12
N PHE A 20 -25.73 17.55 3.21
CA PHE A 20 -25.16 16.36 3.82
C PHE A 20 -26.24 15.55 4.53
N VAL A 21 -26.18 14.23 4.35
CA VAL A 21 -27.07 13.30 5.02
C VAL A 21 -26.22 12.35 5.85
N GLN A 22 -26.61 12.13 7.10
CA GLN A 22 -25.91 11.22 7.98
C GLN A 22 -26.42 9.80 7.79
N SER A 23 -25.50 8.85 7.63
CA SER A 23 -25.84 7.46 7.48
C SER A 23 -25.43 6.67 8.72
N TYR A 24 -25.95 5.46 8.84
CA TYR A 24 -25.75 4.63 10.03
C TYR A 24 -25.57 3.18 9.62
N LEU A 25 -24.98 2.40 10.52
CA LEU A 25 -24.80 0.96 10.32
C LEU A 25 -26.11 0.28 10.65
N ASP A 26 -26.91 -0.03 9.63
CA ASP A 26 -28.20 -0.67 9.81
C ASP A 26 -28.05 -2.18 9.64
N GLN A 27 -29.19 -2.89 9.56
CA GLN A 27 -29.14 -4.35 9.51
C GLN A 27 -28.65 -4.85 8.16
N GLY A 28 -28.94 -4.13 7.08
CA GLY A 28 -28.44 -4.53 5.77
C GLY A 28 -26.92 -4.56 5.73
N THR A 29 -26.29 -3.54 6.30
CA THR A 29 -24.83 -3.54 6.40
C THR A 29 -24.33 -4.69 7.27
N GLN A 30 -25.04 -4.98 8.36
CA GLN A 30 -24.62 -6.04 9.27
C GLN A 30 -24.82 -7.43 8.66
N ILE A 31 -25.78 -7.58 7.75
CA ILE A 31 -25.97 -8.85 7.06
C ILE A 31 -24.80 -9.11 6.11
N PHE A 32 -24.33 -8.07 5.42
CA PHE A 32 -23.19 -8.24 4.52
C PHE A 32 -21.93 -8.57 5.31
N LEU A 33 -21.72 -7.92 6.45
CA LEU A 33 -20.55 -8.20 7.27
C LEU A 33 -20.58 -9.62 7.82
N ASN A 34 -21.72 -10.05 8.34
CA ASN A 34 -21.83 -11.41 8.87
C ASN A 34 -21.62 -12.44 7.76
N ASN A 35 -22.25 -12.23 6.61
CA ASN A 35 -22.04 -13.13 5.48
C ASN A 35 -20.58 -13.14 5.05
N SER A 36 -19.92 -11.99 5.09
CA SER A 36 -18.52 -11.92 4.71
C SER A 36 -17.65 -12.66 5.72
N ILE A 37 -17.96 -12.54 7.02
CA ILE A 37 -17.22 -13.26 8.04
C ILE A 37 -17.38 -14.77 7.88
N GLU A 38 -18.59 -15.20 7.53
CA GLU A 38 -18.83 -16.62 7.31
C GLU A 38 -18.00 -17.15 6.15
N LYS A 39 -18.04 -16.45 4.99
CA LYS A 39 -17.31 -16.92 3.82
C LYS A 39 -15.81 -16.99 4.09
N SER A 40 -15.27 -16.00 4.79
CA SER A 40 -13.83 -15.94 5.01
C SER A 40 -13.33 -17.06 5.93
N GLY A 41 -14.21 -17.68 6.71
CA GLY A 41 -13.82 -18.78 7.56
C GLY A 41 -13.57 -20.09 6.85
N TRP A 42 -13.90 -20.18 5.57
CA TRP A 42 -13.76 -21.42 4.81
C TRP A 42 -12.34 -21.49 4.24
N LEU A 43 -11.43 -22.00 5.06
CA LEU A 43 -10.00 -21.90 4.76
C LEU A 43 -9.65 -22.54 3.42
N PHE A 44 -10.19 -23.72 3.14
CA PHE A 44 -9.75 -24.45 1.95
C PHE A 44 -10.29 -23.81 0.68
N ILE A 45 -11.51 -23.30 0.70
CA ILE A 45 -12.02 -22.56 -0.45
C ILE A 45 -11.18 -21.32 -0.69
N GLN A 46 -10.84 -20.59 0.38
CA GLN A 46 -10.03 -19.38 0.23
C GLN A 46 -8.63 -19.71 -0.27
N LEU A 47 -8.05 -20.82 0.21
CA LEU A 47 -6.75 -21.25 -0.29
C LEU A 47 -6.81 -21.58 -1.77
N TYR A 48 -7.85 -22.31 -2.19
CA TYR A 48 -8.02 -22.64 -3.60
C TYR A 48 -8.19 -21.38 -4.44
N HIS A 49 -9.01 -20.44 -3.96
CA HIS A 49 -9.15 -19.16 -4.66
C HIS A 49 -7.83 -18.41 -4.68
N SER A 50 -7.06 -18.47 -3.60
CA SER A 50 -5.79 -17.74 -3.55
C SER A 50 -4.80 -18.30 -4.57
N PHE A 51 -4.74 -19.63 -4.70
CA PHE A 51 -3.78 -20.23 -5.60
C PHE A 51 -4.18 -20.04 -7.06
N VAL A 52 -5.48 -20.16 -7.36
CA VAL A 52 -5.97 -19.86 -8.70
C VAL A 52 -5.68 -18.42 -9.06
N SER A 53 -5.89 -17.51 -8.11
CA SER A 53 -5.65 -16.09 -8.37
C SER A 53 -4.18 -15.81 -8.66
N SER A 54 -3.27 -16.44 -7.92
CA SER A 54 -1.86 -16.17 -8.11
C SER A 54 -1.38 -16.61 -9.50
N VAL A 55 -1.95 -17.69 -10.02
CA VAL A 55 -1.61 -18.13 -11.38
C VAL A 55 -2.29 -17.24 -12.42
N PHE A 56 -3.60 -17.03 -12.26
CA PHE A 56 -4.34 -16.29 -13.27
C PHE A 56 -4.02 -14.81 -13.28
N SER A 57 -3.44 -14.28 -12.21
CA SER A 57 -3.08 -12.87 -12.24
C SER A 57 -1.91 -12.56 -13.16
N LEU A 58 -1.25 -13.59 -13.71
CA LEU A 58 -0.20 -13.35 -14.69
C LEU A 58 -0.78 -12.85 -16.01
N PHE A 59 -2.03 -13.20 -16.32
CA PHE A 59 -2.63 -12.81 -17.59
C PHE A 59 -4.06 -12.29 -17.45
N MET A 60 -4.55 -12.06 -16.24
CA MET A 60 -5.94 -11.69 -16.02
C MET A 60 -6.00 -10.64 -14.92
N SER A 61 -6.92 -9.68 -15.07
CA SER A 61 -7.08 -8.67 -14.03
C SER A 61 -7.73 -9.28 -12.80
N ARG A 62 -7.49 -8.62 -11.66
CA ARG A 62 -8.08 -9.06 -10.40
C ARG A 62 -9.61 -9.06 -10.50
N THR A 63 -10.17 -8.08 -11.21
CA THR A 63 -11.62 -8.01 -11.37
C THR A 63 -12.16 -9.21 -12.14
N SER A 64 -11.49 -9.58 -13.23
CA SER A 64 -11.93 -10.73 -14.02
C SER A 64 -11.76 -12.03 -13.24
N ILE A 65 -10.74 -12.13 -12.39
CA ILE A 65 -10.55 -13.32 -11.56
C ILE A 65 -11.69 -13.44 -10.55
N ASN A 66 -12.05 -12.32 -9.90
CA ASN A 66 -13.14 -12.34 -8.93
C ASN A 66 -14.46 -12.74 -9.59
N GLY A 67 -14.71 -12.23 -10.80
CA GLY A 67 -15.92 -12.62 -11.52
C GLY A 67 -15.88 -14.07 -11.96
N LEU A 68 -14.69 -14.60 -12.24
CA LEU A 68 -14.59 -16.01 -12.63
C LEU A 68 -14.85 -16.93 -11.45
N LEU A 69 -14.36 -16.57 -10.27
CA LEU A 69 -14.49 -17.40 -9.08
C LEU A 69 -15.76 -17.12 -8.29
N GLY A 70 -16.47 -16.03 -8.60
CA GLY A 70 -17.64 -15.64 -7.84
C GLY A 70 -17.29 -15.17 -6.44
N ARG A 71 -16.24 -14.34 -6.31
CA ARG A 71 -15.75 -13.89 -5.02
C ARG A 71 -15.57 -12.38 -5.04
N GLY A 72 -15.17 -11.84 -3.90
CA GLY A 72 -14.86 -10.42 -3.79
C GLY A 72 -16.04 -9.51 -4.02
N SER A 73 -17.23 -9.91 -3.63
CA SER A 73 -18.39 -9.02 -3.74
C SER A 73 -18.22 -7.86 -2.78
N MET A 74 -18.93 -6.77 -3.08
CA MET A 74 -18.73 -5.52 -2.37
C MET A 74 -20.07 -4.92 -1.97
N PHE A 75 -20.00 -3.89 -1.13
CA PHE A 75 -21.17 -3.27 -0.53
C PHE A 75 -20.96 -1.77 -0.46
N VAL A 76 -21.95 -1.01 -0.92
CA VAL A 76 -21.93 0.44 -0.85
C VAL A 76 -23.03 0.97 0.06
N PHE A 77 -24.28 0.55 -0.19
CA PHE A 77 -25.39 0.97 0.65
C PHE A 77 -26.43 -0.13 0.69
N SER A 78 -27.15 -0.21 1.82
CA SER A 78 -28.28 -1.11 1.96
C SER A 78 -29.44 -0.56 1.15
N PRO A 79 -30.49 -1.35 0.92
CA PRO A 79 -31.69 -0.77 0.31
C PRO A 79 -32.25 0.40 1.11
N ASP A 80 -32.22 0.29 2.45
CA ASP A 80 -32.69 1.37 3.29
C ASP A 80 -31.84 2.62 3.12
N GLN A 81 -30.52 2.45 3.14
CA GLN A 81 -29.62 3.59 2.97
C GLN A 81 -29.79 4.22 1.58
N PHE A 82 -29.96 3.39 0.55
CA PHE A 82 -30.19 3.91 -0.79
C PHE A 82 -31.47 4.73 -0.87
N GLN A 83 -32.53 4.27 -0.19
CA GLN A 83 -33.80 4.98 -0.24
C GLN A 83 -33.74 6.28 0.56
N ARG A 84 -33.11 6.26 1.73
CA ARG A 84 -32.97 7.48 2.52
C ARG A 84 -32.10 8.51 1.81
N LEU A 85 -31.07 8.07 1.09
CA LEU A 85 -30.19 9.02 0.42
C LEU A 85 -30.87 9.64 -0.80
N LEU A 86 -31.62 8.84 -1.55
CA LEU A 86 -32.35 9.35 -2.71
C LEU A 86 -33.65 10.03 -2.32
N LYS A 87 -34.06 9.93 -1.05
CA LYS A 87 -35.30 10.52 -0.56
C LYS A 87 -36.51 9.93 -1.29
N ILE A 88 -36.65 8.62 -1.17
CA ILE A 88 -37.74 7.88 -1.79
C ILE A 88 -38.27 6.84 -0.81
N ASN A 89 -39.42 6.29 -1.13
CA ASN A 89 -40.09 5.25 -0.35
C ASN A 89 -39.82 3.88 -0.95
N PRO A 90 -39.90 2.81 -0.13
CA PRO A 90 -39.55 1.48 -0.63
C PRO A 90 -40.34 1.04 -1.86
N ASP A 91 -41.49 1.65 -2.13
CA ASP A 91 -42.31 1.29 -3.29
C ASP A 91 -42.04 2.17 -4.51
N TRP A 92 -41.13 3.14 -4.41
CA TRP A 92 -40.86 4.04 -5.52
C TRP A 92 -40.26 3.29 -6.70
N LYS A 93 -40.76 3.57 -7.90
CA LYS A 93 -40.28 2.91 -9.11
C LYS A 93 -40.27 3.91 -10.27
N THR A 94 -39.41 3.63 -11.23
CA THR A 94 -39.37 4.38 -12.48
C THR A 94 -38.97 3.43 -13.60
N HIS A 95 -38.64 3.98 -14.77
CA HIS A 95 -38.51 3.16 -15.99
C HIS A 95 -37.13 2.53 -16.12
N ARG A 96 -36.10 3.36 -16.36
CA ARG A 96 -34.80 2.86 -16.78
C ARG A 96 -33.73 3.16 -15.74
N LEU A 97 -32.80 2.21 -15.56
CA LEU A 97 -31.61 2.39 -14.76
C LEU A 97 -30.39 1.98 -15.58
N LEU A 98 -29.33 2.77 -15.49
CA LEU A 98 -28.06 2.47 -16.12
C LEU A 98 -26.96 2.50 -15.06
N ASP A 99 -26.34 1.35 -14.82
CA ASP A 99 -25.26 1.24 -13.84
C ASP A 99 -23.95 1.04 -14.60
N LEU A 100 -23.10 2.07 -14.59
CA LEU A 100 -21.84 2.03 -15.33
C LEU A 100 -20.76 1.39 -14.46
N GLY A 101 -20.00 0.47 -15.07
CA GLY A 101 -19.01 -0.30 -14.33
C GLY A 101 -19.64 -1.09 -13.20
N ALA A 102 -20.68 -1.86 -13.51
CA ALA A 102 -21.52 -2.50 -12.51
C ALA A 102 -20.85 -3.68 -11.82
N GLY A 103 -19.73 -4.17 -12.33
CA GLY A 103 -19.06 -5.30 -11.68
C GLY A 103 -19.89 -6.55 -11.75
N ASP A 104 -19.97 -7.27 -10.62
CA ASP A 104 -20.77 -8.50 -10.57
C ASP A 104 -22.24 -8.23 -10.32
N GLY A 105 -22.64 -6.97 -10.13
CA GLY A 105 -24.03 -6.63 -9.96
C GLY A 105 -24.57 -6.75 -8.55
N GLU A 106 -23.74 -7.09 -7.57
CA GLU A 106 -24.23 -7.23 -6.20
C GLU A 106 -24.65 -5.89 -5.62
N VAL A 107 -24.01 -4.80 -6.05
CA VAL A 107 -24.47 -3.48 -5.64
C VAL A 107 -25.66 -3.03 -6.49
N THR A 108 -25.65 -3.40 -7.77
CA THR A 108 -26.75 -3.03 -8.66
C THR A 108 -28.08 -3.58 -8.16
N LYS A 109 -28.08 -4.83 -7.66
CA LYS A 109 -29.33 -5.44 -7.21
C LYS A 109 -29.93 -4.72 -6.00
N ILE A 110 -29.12 -3.94 -5.27
CA ILE A 110 -29.66 -3.12 -4.20
C ILE A 110 -30.60 -2.06 -4.76
N MET A 111 -30.22 -1.46 -5.89
CA MET A 111 -31.04 -0.47 -6.56
C MET A 111 -32.04 -1.07 -7.53
N SER A 112 -31.88 -2.34 -7.88
CA SER A 112 -32.64 -2.92 -8.98
C SER A 112 -34.16 -2.96 -8.79
N PRO A 113 -34.71 -3.22 -7.59
CA PRO A 113 -36.18 -3.32 -7.50
C PRO A 113 -36.93 -2.05 -7.86
N HIS A 114 -36.28 -0.90 -7.85
CA HIS A 114 -36.93 0.37 -8.11
C HIS A 114 -36.99 0.73 -9.60
N PHE A 115 -36.79 -0.24 -10.48
CA PHE A 115 -36.71 0.04 -11.91
C PHE A 115 -37.33 -1.10 -12.71
N GLU A 116 -37.83 -0.76 -13.90
CA GLU A 116 -38.43 -1.73 -14.81
C GLU A 116 -37.42 -2.33 -15.78
N GLU A 117 -36.53 -1.49 -16.31
CA GLU A 117 -35.47 -1.94 -17.20
C GLU A 117 -34.13 -1.54 -16.59
N ILE A 118 -33.19 -2.49 -16.60
CA ILE A 118 -31.88 -2.29 -16.01
C ILE A 118 -30.81 -2.49 -17.08
N TYR A 119 -29.93 -1.50 -17.22
CA TYR A 119 -28.83 -1.55 -18.17
C TYR A 119 -27.51 -1.41 -17.42
N ALA A 120 -26.46 -1.98 -17.98
CA ALA A 120 -25.16 -1.95 -17.34
C ALA A 120 -24.08 -1.90 -18.40
N THR A 121 -22.93 -1.34 -18.01
CA THR A 121 -21.69 -1.49 -18.75
C THR A 121 -20.66 -2.12 -17.85
N GLU A 122 -19.72 -2.85 -18.46
CA GLU A 122 -18.67 -3.49 -17.70
C GLU A 122 -17.57 -3.91 -18.65
N LEU A 123 -16.32 -3.64 -18.27
CA LEU A 123 -15.19 -3.96 -19.12
C LEU A 123 -14.79 -5.43 -19.00
N SER A 124 -14.95 -6.02 -17.82
CA SER A 124 -14.49 -7.38 -17.56
C SER A 124 -15.44 -8.40 -18.17
N GLU A 125 -14.87 -9.38 -18.87
CA GLU A 125 -15.69 -10.41 -19.52
C GLU A 125 -16.44 -11.26 -18.51
N THR A 126 -15.76 -11.72 -17.46
CA THR A 126 -16.40 -12.58 -16.47
C THR A 126 -17.46 -11.81 -15.67
N MET A 127 -17.24 -10.52 -15.41
CA MET A 127 -18.28 -9.73 -14.76
C MET A 127 -19.50 -9.56 -15.66
N ILE A 128 -19.27 -9.45 -16.98
CA ILE A 128 -20.39 -9.38 -17.91
C ILE A 128 -21.25 -10.64 -17.80
N TRP A 129 -20.61 -11.79 -17.61
CA TRP A 129 -21.36 -13.03 -17.38
C TRP A 129 -22.24 -12.90 -16.14
N GLN A 130 -21.70 -12.33 -15.06
CA GLN A 130 -22.48 -12.19 -13.83
C GLN A 130 -23.66 -11.27 -14.04
N LEU A 131 -23.48 -10.19 -14.79
CA LEU A 131 -24.57 -9.25 -15.04
C LEU A 131 -25.65 -9.87 -15.92
N GLN A 132 -25.24 -10.68 -16.91
CA GLN A 132 -26.23 -11.37 -17.74
C GLN A 132 -26.95 -12.46 -16.96
N LYS A 133 -26.26 -13.10 -16.00
CA LYS A 133 -26.93 -14.07 -15.15
C LYS A 133 -28.08 -13.44 -14.38
N LYS A 134 -27.92 -12.17 -13.98
CA LYS A 134 -28.98 -11.42 -13.33
C LYS A 134 -29.98 -10.86 -14.33
N LYS A 135 -29.81 -11.14 -15.62
CA LYS A 135 -30.71 -10.71 -16.68
C LYS A 135 -30.73 -9.19 -16.86
N TYR A 136 -29.62 -8.53 -16.57
CA TYR A 136 -29.47 -7.13 -16.94
C TYR A 136 -29.08 -7.02 -18.40
N ARG A 137 -29.47 -5.91 -19.03
CA ARG A 137 -29.13 -5.66 -20.43
C ARG A 137 -27.78 -4.95 -20.47
N VAL A 138 -26.74 -5.70 -20.83
CA VAL A 138 -25.38 -5.17 -20.83
C VAL A 138 -25.12 -4.49 -22.16
N LEU A 139 -24.55 -3.29 -22.11
CA LEU A 139 -24.25 -2.50 -23.29
C LEU A 139 -22.75 -2.25 -23.38
N GLY A 140 -22.28 -1.98 -24.59
CA GLY A 140 -20.90 -1.59 -24.77
C GLY A 140 -20.58 -0.29 -24.09
N ILE A 141 -19.29 -0.09 -23.83
CA ILE A 141 -18.86 1.11 -23.11
C ILE A 141 -19.01 2.38 -23.96
N ASN A 142 -19.12 2.24 -25.28
CA ASN A 142 -19.36 3.36 -26.17
C ASN A 142 -20.69 3.19 -26.91
N GLU A 143 -21.62 2.45 -26.31
CA GLU A 143 -22.93 2.17 -26.89
C GLU A 143 -24.08 2.78 -26.10
N TRP A 144 -23.93 2.95 -24.79
CA TRP A 144 -25.03 3.44 -23.96
C TRP A 144 -25.35 4.90 -24.24
N GLN A 145 -24.37 5.68 -24.71
CA GLN A 145 -24.62 7.09 -25.00
C GLN A 145 -25.46 7.28 -26.26
N ASN A 146 -25.46 6.29 -27.16
CA ASN A 146 -26.08 6.43 -28.48
C ASN A 146 -27.19 5.41 -28.66
N THR A 147 -28.03 5.25 -27.63
CA THR A 147 -29.14 4.30 -27.72
C THR A 147 -30.42 4.93 -28.26
N GLY A 148 -30.54 6.26 -28.18
CA GLY A 148 -31.76 6.91 -28.61
C GLY A 148 -32.62 7.35 -27.44
N PHE A 149 -32.77 6.49 -26.43
CA PHE A 149 -33.55 6.82 -25.25
C PHE A 149 -32.66 7.29 -24.12
N GLN A 150 -33.28 7.86 -23.09
CA GLN A 150 -32.60 8.40 -21.94
C GLN A 150 -32.81 7.49 -20.73
N TYR A 151 -32.11 7.81 -19.64
CA TYR A 151 -32.13 7.01 -18.43
C TYR A 151 -32.62 7.85 -17.25
N ASP A 152 -33.48 7.25 -16.43
CA ASP A 152 -34.00 7.96 -15.27
C ASP A 152 -32.95 8.09 -14.18
N VAL A 153 -32.25 7.01 -13.88
CA VAL A 153 -31.17 7.02 -12.90
C VAL A 153 -29.95 6.39 -13.54
N ILE A 154 -28.85 7.13 -13.58
CA ILE A 154 -27.57 6.61 -14.04
C ILE A 154 -26.67 6.47 -12.82
N SER A 155 -26.26 5.23 -12.55
CA SER A 155 -25.41 4.93 -11.42
C SER A 155 -23.97 4.80 -11.88
N CYS A 156 -23.05 5.39 -11.11
CA CYS A 156 -21.62 5.42 -11.45
C CYS A 156 -20.84 5.32 -10.16
N LEU A 157 -20.74 4.10 -9.64
CA LEU A 157 -20.22 3.84 -8.30
C LEU A 157 -18.79 3.34 -8.36
N ASN A 158 -17.87 4.12 -7.80
CA ASN A 158 -16.47 3.71 -7.65
C ASN A 158 -15.84 3.40 -9.00
N LEU A 159 -16.11 4.26 -9.98
CA LEU A 159 -15.60 4.11 -11.33
C LEU A 159 -14.76 5.27 -11.81
N LEU A 160 -15.04 6.49 -11.33
CA LEU A 160 -14.32 7.68 -11.82
C LEU A 160 -12.82 7.55 -11.61
N ASP A 161 -12.39 6.95 -10.50
CA ASP A 161 -10.98 6.77 -10.21
C ASP A 161 -10.40 5.53 -10.89
N ARG A 162 -11.24 4.67 -11.46
CA ARG A 162 -10.78 3.51 -12.22
C ARG A 162 -10.94 3.73 -13.71
N CYS A 163 -11.26 4.95 -14.12
CA CYS A 163 -11.65 5.29 -15.48
C CYS A 163 -10.50 5.98 -16.20
N ASP A 164 -10.46 5.82 -17.52
CA ASP A 164 -9.44 6.49 -18.31
C ASP A 164 -9.82 7.93 -18.67
N GLN A 165 -11.11 8.22 -18.82
CA GLN A 165 -11.60 9.55 -19.15
C GLN A 165 -12.78 9.90 -18.26
N PRO A 166 -12.52 10.23 -16.99
CA PRO A 166 -13.63 10.54 -16.08
C PRO A 166 -14.39 11.81 -16.46
N LEU A 167 -13.69 12.82 -16.99
CA LEU A 167 -14.37 14.05 -17.38
C LEU A 167 -15.33 13.80 -18.54
N THR A 168 -14.90 13.04 -19.55
CA THR A 168 -15.80 12.71 -20.65
C THR A 168 -16.98 11.88 -20.16
N LEU A 169 -16.73 10.97 -19.21
CA LEU A 169 -17.81 10.14 -18.68
C LEU A 169 -18.89 10.99 -18.01
N LEU A 170 -18.46 11.95 -17.16
CA LEU A 170 -19.43 12.81 -16.49
C LEU A 170 -20.27 13.58 -17.48
N LYS A 171 -19.68 14.00 -18.59
CA LYS A 171 -20.44 14.72 -19.61
C LYS A 171 -21.29 13.77 -20.45
N ASP A 172 -20.79 12.56 -20.72
CA ASP A 172 -21.60 11.56 -21.42
C ASP A 172 -22.85 11.21 -20.60
N ILE A 173 -22.71 11.13 -19.28
CA ILE A 173 -23.85 10.83 -18.43
C ILE A 173 -24.89 11.94 -18.51
N ARG A 174 -24.44 13.19 -18.49
CA ARG A 174 -25.36 14.33 -18.54
C ARG A 174 -26.15 14.34 -19.85
N SER A 175 -25.53 13.91 -20.95
CA SER A 175 -26.19 14.02 -22.25
C SER A 175 -27.38 13.08 -22.38
N VAL A 176 -27.38 11.97 -21.67
CA VAL A 176 -28.41 10.95 -21.81
C VAL A 176 -29.25 10.79 -20.55
N LEU A 177 -29.10 11.68 -19.58
CA LEU A 177 -29.92 11.65 -18.38
C LEU A 177 -31.25 12.34 -18.63
N GLU A 178 -32.31 11.81 -18.06
CA GLU A 178 -33.63 12.42 -18.21
C GLU A 178 -33.64 13.78 -17.52
N PRO A 179 -34.06 14.85 -18.19
CA PRO A 179 -33.85 16.20 -17.63
C PRO A 179 -34.76 16.54 -16.47
N THR A 180 -36.02 16.08 -16.49
CA THR A 180 -36.98 16.55 -15.49
C THR A 180 -36.73 15.90 -14.12
N ARG A 181 -36.82 14.57 -14.05
CA ARG A 181 -36.73 13.86 -12.78
C ARG A 181 -35.48 12.99 -12.69
N GLY A 182 -34.58 13.06 -13.67
CA GLY A 182 -33.42 12.20 -13.67
C GLY A 182 -32.45 12.53 -12.56
N ARG A 183 -31.77 11.49 -12.06
CA ARG A 183 -30.82 11.62 -10.97
C ARG A 183 -29.61 10.74 -11.24
N VAL A 184 -28.45 11.20 -10.79
CA VAL A 184 -27.20 10.46 -10.89
C VAL A 184 -26.78 10.03 -9.49
N ILE A 185 -26.46 8.75 -9.33
CA ILE A 185 -25.86 8.23 -8.11
C ILE A 185 -24.39 8.01 -8.38
N LEU A 186 -23.53 8.70 -7.64
CA LEU A 186 -22.09 8.64 -7.86
C LEU A 186 -21.38 8.33 -6.55
N ALA A 187 -20.41 7.42 -6.62
CA ALA A 187 -19.62 7.04 -5.45
C ALA A 187 -18.15 7.13 -5.79
N LEU A 188 -17.36 7.56 -4.80
CA LEU A 188 -15.93 7.73 -4.99
C LEU A 188 -15.22 7.41 -3.69
N VAL A 189 -14.13 6.65 -3.80
CA VAL A 189 -13.26 6.40 -2.66
C VAL A 189 -12.38 7.63 -2.44
N LEU A 190 -12.29 8.08 -1.19
CA LEU A 190 -11.43 9.19 -0.83
C LEU A 190 -10.43 8.75 0.23
N PRO A 191 -9.16 9.19 0.14
CA PRO A 191 -8.58 10.12 -0.84
C PRO A 191 -8.61 9.62 -2.28
N PHE A 192 -8.83 10.54 -3.20
CA PHE A 192 -8.89 10.21 -4.62
C PHE A 192 -7.52 9.79 -5.13
N HIS A 193 -7.42 8.54 -5.57
CA HIS A 193 -6.18 8.01 -6.15
C HIS A 193 -6.55 7.28 -7.44
N PRO A 194 -6.50 7.98 -8.57
CA PRO A 194 -6.93 7.37 -9.84
C PRO A 194 -5.86 6.46 -10.42
N TYR A 195 -6.34 5.42 -11.10
CA TYR A 195 -5.50 4.46 -11.81
C TYR A 195 -6.40 3.57 -12.66
N VAL A 196 -5.87 3.12 -13.79
CA VAL A 196 -6.58 2.21 -14.68
C VAL A 196 -6.08 0.80 -14.41
N GLU A 197 -7.00 -0.06 -13.99
CA GLU A 197 -6.64 -1.43 -13.64
C GLU A 197 -6.20 -2.22 -14.88
N ASN A 198 -5.11 -2.96 -14.73
CA ASN A 198 -4.66 -3.88 -15.78
C ASN A 198 -4.43 -5.27 -15.19
N VAL A 199 -3.34 -5.92 -15.57
CA VAL A 199 -3.11 -7.34 -15.28
C VAL A 199 -1.94 -7.46 -14.31
N GLY A 200 -2.18 -8.10 -13.17
CA GLY A 200 -1.12 -8.47 -12.26
C GLY A 200 -0.48 -7.35 -11.46
N GLY A 201 -1.30 -6.51 -10.83
CA GLY A 201 -0.77 -5.37 -10.11
C GLY A 201 -0.23 -4.28 -10.99
N LYS A 202 -0.67 -4.22 -12.24
CA LYS A 202 -0.23 -3.22 -13.21
C LYS A 202 -1.32 -2.17 -13.38
N TRP A 203 -0.94 -0.90 -13.26
CA TRP A 203 -1.88 0.19 -13.41
C TRP A 203 -1.29 1.27 -14.33
N GLU A 204 -2.18 2.06 -14.93
CA GLU A 204 -1.80 3.15 -15.81
C GLU A 204 -2.46 4.44 -15.34
N LYS A 205 -1.89 5.56 -15.75
CA LYS A 205 -2.46 6.86 -15.43
C LYS A 205 -3.70 7.11 -16.29
N PRO A 206 -4.71 7.80 -15.73
CA PRO A 206 -5.86 8.19 -16.54
C PRO A 206 -5.49 9.30 -17.53
N SER A 207 -6.23 9.35 -18.64
CA SER A 207 -5.98 10.38 -19.63
C SER A 207 -6.49 11.75 -19.17
N GLU A 208 -7.60 11.77 -18.43
CA GLU A 208 -8.20 13.00 -17.95
C GLU A 208 -8.07 13.07 -16.43
N ILE A 209 -7.58 14.19 -15.93
CA ILE A 209 -7.26 14.36 -14.52
C ILE A 209 -8.40 15.09 -13.83
N LEU A 210 -8.90 14.51 -12.75
CA LEU A 210 -9.88 15.17 -11.89
C LEU A 210 -9.13 15.91 -10.78
N GLU A 211 -9.50 17.17 -10.56
CA GLU A 211 -8.80 18.00 -9.58
C GLU A 211 -9.49 17.88 -8.22
N ILE A 212 -9.25 16.74 -7.58
CA ILE A 212 -9.80 16.43 -6.27
C ILE A 212 -8.64 16.49 -5.29
N LYS A 213 -8.55 17.59 -4.55
CA LYS A 213 -7.46 17.84 -3.62
C LYS A 213 -7.99 17.90 -2.19
N GLY A 214 -7.08 17.75 -1.24
CA GLY A 214 -7.42 17.80 0.18
C GLY A 214 -6.58 16.82 0.97
N GLN A 215 -6.47 17.08 2.27
CA GLN A 215 -5.73 16.22 3.18
C GLN A 215 -6.64 15.40 4.10
N ASN A 216 -7.95 15.53 3.96
CA ASN A 216 -8.89 14.70 4.71
C ASN A 216 -10.16 14.53 3.88
N TRP A 217 -11.13 13.81 4.43
CA TRP A 217 -12.34 13.50 3.69
C TRP A 217 -13.14 14.77 3.36
N GLU A 218 -13.24 15.69 4.31
CA GLU A 218 -14.07 16.88 4.10
C GLU A 218 -13.45 17.81 3.06
N GLU A 219 -12.12 18.00 3.11
CA GLU A 219 -11.47 18.89 2.15
C GLU A 219 -11.60 18.36 0.72
N GLN A 220 -11.50 17.04 0.54
CA GLN A 220 -11.63 16.47 -0.80
C GLN A 220 -13.08 16.54 -1.29
N VAL A 221 -14.05 16.37 -0.39
CA VAL A 221 -15.45 16.58 -0.76
C VAL A 221 -15.68 18.03 -1.19
N ASN A 222 -15.00 18.98 -0.53
CA ASN A 222 -15.16 20.39 -0.90
C ASN A 222 -14.69 20.66 -2.33
N SER A 223 -13.77 19.85 -2.84
CA SER A 223 -13.21 20.06 -4.16
C SER A 223 -14.10 19.54 -5.29
N LEU A 224 -15.17 18.81 -4.96
CA LEU A 224 -16.00 18.11 -5.93
C LEU A 224 -17.13 18.94 -6.54
N PRO A 225 -17.75 19.88 -5.82
CA PRO A 225 -18.78 20.72 -6.47
C PRO A 225 -18.32 21.36 -7.78
N GLU A 226 -17.08 21.83 -7.85
CA GLU A 226 -16.57 22.36 -9.12
C GLU A 226 -16.54 21.29 -10.19
N VAL A 227 -16.05 20.09 -9.84
CA VAL A 227 -15.97 19.00 -10.81
C VAL A 227 -17.36 18.64 -11.31
N PHE A 228 -18.32 18.49 -10.38
CA PHE A 228 -19.68 18.15 -10.77
C PHE A 228 -20.34 19.29 -11.53
N ARG A 229 -20.06 20.53 -11.14
CA ARG A 229 -20.63 21.68 -11.84
C ARG A 229 -20.10 21.79 -13.26
N LYS A 230 -18.83 21.43 -13.48
CA LYS A 230 -18.25 21.50 -14.81
C LYS A 230 -19.00 20.60 -15.80
N ALA A 231 -19.57 19.51 -15.31
CA ALA A 231 -20.35 18.59 -16.14
C ALA A 231 -21.84 18.89 -16.13
N GLY A 232 -22.28 19.89 -15.39
CA GLY A 232 -23.67 20.28 -15.37
C GLY A 232 -24.51 19.62 -14.29
N PHE A 233 -23.93 19.42 -13.11
CA PHE A 233 -24.63 18.76 -12.01
C PHE A 233 -24.47 19.57 -10.73
N VAL A 234 -25.43 19.42 -9.83
CA VAL A 234 -25.33 19.95 -8.47
C VAL A 234 -25.71 18.84 -7.51
N ILE A 235 -25.15 18.91 -6.32
CA ILE A 235 -25.30 17.85 -5.31
C ILE A 235 -26.65 18.02 -4.62
N GLU A 236 -27.59 17.12 -4.90
CA GLU A 236 -28.85 17.12 -4.19
C GLU A 236 -28.70 16.54 -2.78
N ALA A 237 -27.83 15.55 -2.63
CA ALA A 237 -27.56 14.92 -1.35
C ALA A 237 -26.25 14.15 -1.46
N PHE A 238 -25.61 13.96 -0.30
CA PHE A 238 -24.42 13.13 -0.25
C PHE A 238 -24.21 12.64 1.18
N THR A 239 -23.47 11.55 1.31
CA THR A 239 -23.27 10.91 2.60
C THR A 239 -21.92 10.21 2.59
N ARG A 240 -21.54 9.70 3.77
CA ARG A 240 -20.27 9.00 3.96
C ARG A 240 -20.58 7.54 4.31
N LEU A 241 -20.23 6.63 3.40
CA LEU A 241 -20.53 5.22 3.60
C LEU A 241 -19.25 4.40 3.49
N PRO A 242 -19.09 3.38 4.33
CA PRO A 242 -17.95 2.47 4.16
C PRO A 242 -18.14 1.59 2.93
N TYR A 243 -17.12 1.59 2.06
CA TYR A 243 -17.10 0.74 0.87
C TYR A 243 -16.55 -0.61 1.32
N LEU A 244 -17.43 -1.59 1.46
CA LEU A 244 -17.06 -2.88 2.05
C LEU A 244 -16.82 -3.92 0.96
N CYS A 245 -15.91 -4.84 1.26
CA CYS A 245 -15.56 -5.89 0.32
C CYS A 245 -15.35 -7.19 1.09
N GLU A 246 -15.83 -8.29 0.53
CA GLU A 246 -15.66 -9.60 1.16
C GLU A 246 -14.17 -9.91 1.31
N GLY A 247 -13.87 -10.81 2.24
CA GLY A 247 -12.52 -11.03 2.70
C GLY A 247 -11.83 -12.22 2.07
N ASP A 248 -10.78 -12.69 2.75
CA ASP A 248 -9.94 -13.77 2.26
C ASP A 248 -9.42 -14.58 3.45
N MET A 249 -8.27 -15.23 3.29
CA MET A 249 -7.69 -16.01 4.37
C MET A 249 -7.22 -15.15 5.54
N TYR A 250 -6.96 -13.86 5.31
CA TYR A 250 -6.31 -13.03 6.30
C TYR A 250 -7.22 -12.01 6.97
N ASN A 251 -8.28 -11.58 6.30
CA ASN A 251 -9.20 -10.60 6.87
C ASN A 251 -10.62 -10.99 6.52
N ASP A 252 -11.52 -10.84 7.51
CA ASP A 252 -12.92 -11.20 7.29
C ASP A 252 -13.57 -10.29 6.26
N TYR A 253 -13.09 -9.05 6.12
CA TYR A 253 -13.59 -8.12 5.12
C TYR A 253 -12.61 -6.96 5.03
N TYR A 254 -12.83 -6.11 4.02
CA TYR A 254 -12.02 -4.92 3.81
C TYR A 254 -12.93 -3.71 3.72
N VAL A 255 -12.41 -2.56 4.13
CA VAL A 255 -13.17 -1.32 4.22
C VAL A 255 -12.45 -0.23 3.46
N LEU A 256 -13.20 0.54 2.68
CA LEU A 256 -12.70 1.76 2.07
C LEU A 256 -13.67 2.90 2.39
N ASP A 257 -13.18 4.12 2.23
CA ASP A 257 -13.90 5.33 2.63
C ASP A 257 -14.61 5.91 1.41
N ASP A 258 -15.91 5.67 1.31
CA ASP A 258 -16.69 6.09 0.16
C ASP A 258 -17.41 7.40 0.43
N ALA A 259 -17.46 8.25 -0.58
CA ALA A 259 -18.35 9.41 -0.60
C ALA A 259 -19.38 9.17 -1.70
N VAL A 260 -20.64 9.13 -1.32
CA VAL A 260 -21.74 8.78 -2.23
C VAL A 260 -22.59 10.03 -2.43
N PHE A 261 -22.85 10.36 -3.69
CA PHE A 261 -23.55 11.58 -4.06
C PHE A 261 -24.80 11.26 -4.85
N VAL A 262 -25.80 12.14 -4.72
CA VAL A 262 -26.97 12.14 -5.60
C VAL A 262 -26.95 13.45 -6.37
N LEU A 263 -26.90 13.37 -7.69
CA LEU A 263 -26.73 14.53 -8.54
C LEU A 263 -27.99 14.79 -9.34
N LYS A 264 -28.38 16.06 -9.41
CA LYS A 264 -29.45 16.48 -10.29
C LYS A 264 -28.89 17.41 -11.37
N PRO A 265 -29.44 17.36 -12.59
CA PRO A 265 -28.87 18.14 -13.68
C PRO A 265 -29.30 19.61 -13.62
N VAL A 266 -28.36 20.49 -13.93
CA VAL A 266 -28.63 21.93 -14.03
C VAL A 266 -27.94 22.49 -15.27
N ASN B 1 17.44 4.84 -12.54
CA ASN B 1 18.74 4.90 -11.87
C ASN B 1 18.93 6.20 -11.09
N HIS B 2 18.89 7.34 -11.80
CA HIS B 2 19.18 8.62 -11.17
C HIS B 2 18.22 8.94 -10.04
N GLN B 3 16.93 8.63 -10.22
CA GLN B 3 15.94 8.96 -9.21
C GLN B 3 16.21 8.30 -7.87
N TRP B 4 16.96 7.20 -7.86
CA TRP B 4 17.29 6.51 -6.61
C TRP B 4 18.36 7.25 -5.81
N TYR B 5 19.23 8.01 -6.49
CA TYR B 5 20.39 8.61 -5.85
C TYR B 5 20.34 10.13 -5.74
N VAL B 6 19.50 10.80 -6.52
CA VAL B 6 19.50 12.26 -6.55
C VAL B 6 18.99 12.81 -5.23
N CYS B 7 19.47 14.01 -4.89
CA CYS B 7 19.12 14.68 -3.65
C CYS B 7 19.11 16.18 -3.88
N ASN B 8 18.24 16.88 -3.16
CA ASN B 8 18.17 18.34 -3.21
C ASN B 8 18.96 18.87 -2.02
N ARG B 9 20.27 19.05 -2.22
CA ARG B 9 21.12 19.52 -1.14
C ARG B 9 20.79 20.95 -0.73
N GLU B 10 20.09 21.71 -1.57
CA GLU B 10 19.63 23.03 -1.18
C GLU B 10 18.52 22.94 -0.13
N LYS B 11 17.78 21.84 -0.12
CA LYS B 11 16.76 21.62 0.90
C LYS B 11 17.34 21.06 2.20
N LEU B 12 18.61 20.69 2.23
CA LEU B 12 19.22 20.15 3.42
C LEU B 12 19.73 21.28 4.32
N CYS B 13 19.84 20.97 5.61
CA CYS B 13 20.43 21.92 6.54
C CYS B 13 21.95 21.94 6.36
N GLU B 14 22.58 22.92 7.02
CA GLU B 14 24.01 23.15 6.81
C GLU B 14 24.84 21.95 7.25
N SER B 15 24.50 21.35 8.38
CA SER B 15 25.30 20.23 8.89
C SER B 15 25.26 19.03 7.94
N LEU B 16 24.10 18.79 7.31
CA LEU B 16 23.97 17.64 6.43
C LEU B 16 24.60 17.88 5.06
N GLN B 17 24.56 19.11 4.56
CA GLN B 17 25.18 19.40 3.27
C GLN B 17 26.67 19.12 3.28
N ALA B 18 27.30 19.24 4.45
CA ALA B 18 28.74 19.00 4.55
C ALA B 18 29.07 17.52 4.54
N VAL B 19 28.23 16.69 5.16
CA VAL B 19 28.52 15.27 5.32
C VAL B 19 27.82 14.42 4.27
N PHE B 20 27.09 15.01 3.33
CA PHE B 20 26.40 14.23 2.33
C PHE B 20 27.38 13.67 1.30
N VAL B 21 27.25 12.39 1.01
CA VAL B 21 28.05 11.73 -0.02
C VAL B 21 27.13 11.34 -1.16
N GLN B 22 27.57 11.57 -2.39
CA GLN B 22 26.80 11.21 -3.57
C GLN B 22 27.12 9.78 -3.99
N SER B 23 26.09 8.96 -4.11
CA SER B 23 26.22 7.58 -4.55
C SER B 23 25.69 7.44 -5.97
N TYR B 24 26.03 6.31 -6.60
CA TYR B 24 25.67 6.09 -7.99
C TYR B 24 25.39 4.60 -8.19
N LEU B 25 24.68 4.30 -9.26
CA LEU B 25 24.46 2.91 -9.68
C LEU B 25 25.78 2.36 -10.18
N ASP B 26 26.46 1.59 -9.34
CA ASP B 26 27.76 1.04 -9.70
C ASP B 26 27.58 -0.40 -10.20
N GLN B 27 28.71 -1.10 -10.35
CA GLN B 27 28.66 -2.44 -10.94
C GLN B 27 28.09 -3.47 -9.97
N GLY B 28 28.34 -3.30 -8.67
CA GLY B 28 27.76 -4.21 -7.69
C GLY B 28 26.24 -4.13 -7.66
N THR B 29 25.70 -2.91 -7.72
CA THR B 29 24.26 -2.73 -7.81
C THR B 29 23.70 -3.37 -9.07
N GLN B 30 24.37 -3.18 -10.20
CA GLN B 30 23.86 -3.71 -11.46
C GLN B 30 23.90 -5.23 -11.49
N ILE B 31 24.88 -5.83 -10.80
CA ILE B 31 24.94 -7.29 -10.74
C ILE B 31 23.80 -7.85 -9.91
N PHE B 32 23.45 -7.17 -8.80
CA PHE B 32 22.32 -7.61 -7.99
C PHE B 32 21.02 -7.53 -8.78
N LEU B 33 20.87 -6.50 -9.60
CA LEU B 33 19.66 -6.36 -10.41
C LEU B 33 19.57 -7.50 -11.44
N ASN B 34 20.68 -7.77 -12.12
CA ASN B 34 20.69 -8.84 -13.12
C ASN B 34 20.41 -10.19 -12.48
N ASN B 35 20.95 -10.43 -11.28
CA ASN B 35 20.68 -11.69 -10.59
C ASN B 35 19.21 -11.81 -10.19
N SER B 36 18.58 -10.69 -9.83
CA SER B 36 17.16 -10.74 -9.47
C SER B 36 16.29 -10.96 -10.69
N ILE B 37 16.63 -10.32 -11.81
CA ILE B 37 15.88 -10.52 -13.05
C ILE B 37 15.96 -11.98 -13.47
N GLU B 38 17.13 -12.59 -13.32
CA GLU B 38 17.28 -14.01 -13.65
C GLU B 38 16.40 -14.88 -12.75
N LYS B 39 16.49 -14.67 -11.43
CA LYS B 39 15.69 -15.47 -10.50
C LYS B 39 14.19 -15.28 -10.73
N SER B 40 13.77 -14.04 -10.98
CA SER B 40 12.35 -13.77 -11.15
C SER B 40 11.79 -14.38 -12.43
N GLY B 41 12.65 -14.74 -13.39
CA GLY B 41 12.18 -15.37 -14.60
C GLY B 41 11.82 -16.82 -14.46
N TRP B 42 12.25 -17.48 -13.38
CA TRP B 42 11.98 -18.89 -13.15
C TRP B 42 10.56 -19.03 -12.60
N LEU B 43 9.60 -19.12 -13.53
CA LEU B 43 8.18 -19.03 -13.16
C LEU B 43 7.78 -20.14 -12.20
N PHE B 44 8.20 -21.37 -12.44
CA PHE B 44 7.70 -22.47 -11.64
C PHE B 44 8.27 -22.47 -10.23
N ILE B 45 9.52 -22.06 -10.05
CA ILE B 45 10.05 -21.89 -8.71
C ILE B 45 9.31 -20.78 -7.99
N GLN B 46 9.12 -19.64 -8.67
CA GLN B 46 8.42 -18.52 -8.07
C GLN B 46 6.98 -18.85 -7.73
N LEU B 47 6.33 -19.65 -8.59
CA LEU B 47 4.96 -20.07 -8.31
C LEU B 47 4.91 -20.99 -7.10
N TYR B 48 5.90 -21.89 -6.98
CA TYR B 48 5.96 -22.78 -5.82
C TYR B 48 6.19 -22.00 -4.53
N HIS B 49 7.10 -21.02 -4.56
CA HIS B 49 7.30 -20.16 -3.39
C HIS B 49 6.06 -19.34 -3.08
N SER B 50 5.31 -18.95 -4.11
CA SER B 50 4.09 -18.18 -3.88
C SER B 50 3.06 -19.00 -3.12
N PHE B 51 2.90 -20.28 -3.47
CA PHE B 51 1.88 -21.08 -2.80
C PHE B 51 2.32 -21.51 -1.41
N VAL B 52 3.60 -21.83 -1.23
CA VAL B 52 4.12 -22.08 0.11
C VAL B 52 3.91 -20.86 1.00
N SER B 53 4.19 -19.67 0.47
CA SER B 53 4.04 -18.45 1.24
C SER B 53 2.58 -18.18 1.57
N SER B 54 1.66 -18.49 0.66
CA SER B 54 0.25 -18.24 0.94
C SER B 54 -0.27 -19.08 2.09
N VAL B 55 0.26 -20.30 2.25
CA VAL B 55 -0.16 -21.16 3.35
C VAL B 55 0.59 -20.78 4.63
N PHE B 56 1.92 -20.72 4.57
CA PHE B 56 2.70 -20.48 5.77
C PHE B 56 2.47 -19.10 6.36
N SER B 57 2.03 -18.13 5.56
CA SER B 57 1.76 -16.81 6.12
C SER B 57 0.57 -16.82 7.06
N LEU B 58 -0.19 -17.91 7.13
CA LEU B 58 -1.25 -18.01 8.13
C LEU B 58 -0.70 -18.08 9.55
N PHE B 59 0.54 -18.54 9.72
CA PHE B 59 1.11 -18.73 11.04
C PHE B 59 2.59 -18.35 11.11
N MET B 60 3.14 -17.74 10.07
CA MET B 60 4.58 -17.46 10.00
C MET B 60 4.78 -16.08 9.43
N SER B 61 5.78 -15.36 9.94
CA SER B 61 6.07 -14.03 9.41
C SER B 61 6.67 -14.13 8.01
N ARG B 62 6.50 -13.06 7.24
CA ARG B 62 7.07 -13.00 5.90
C ARG B 62 8.58 -13.18 5.93
N THR B 63 9.24 -12.63 6.96
CA THR B 63 10.68 -12.76 7.07
C THR B 63 11.09 -14.21 7.32
N SER B 64 10.36 -14.92 8.19
CA SER B 64 10.69 -16.32 8.44
C SER B 64 10.41 -17.19 7.22
N ILE B 65 9.40 -16.85 6.41
CA ILE B 65 9.14 -17.60 5.19
C ILE B 65 10.28 -17.41 4.20
N ASN B 66 10.78 -16.18 4.06
CA ASN B 66 11.86 -15.92 3.13
C ASN B 66 13.13 -16.66 3.55
N GLY B 67 13.40 -16.73 4.84
CA GLY B 67 14.58 -17.46 5.31
C GLY B 67 14.43 -18.96 5.16
N LEU B 68 13.20 -19.46 5.21
CA LEU B 68 12.97 -20.89 5.00
C LEU B 68 13.14 -21.26 3.53
N LEU B 69 12.68 -20.41 2.63
CA LEU B 69 12.76 -20.67 1.20
C LEU B 69 14.05 -20.18 0.57
N GLY B 70 14.85 -19.41 1.29
CA GLY B 70 16.07 -18.85 0.73
C GLY B 70 15.83 -17.81 -0.34
N ARG B 71 14.76 -17.04 -0.20
CA ARG B 71 14.38 -16.04 -1.20
C ARG B 71 14.32 -14.66 -0.56
N GLY B 72 14.04 -13.67 -1.38
CA GLY B 72 13.86 -12.32 -0.90
C GLY B 72 15.11 -11.66 -0.35
N SER B 73 16.28 -11.98 -0.91
CA SER B 73 17.50 -11.32 -0.46
C SER B 73 17.49 -9.86 -0.89
N MET B 74 18.33 -9.07 -0.23
CA MET B 74 18.23 -7.62 -0.37
C MET B 74 19.62 -7.01 -0.54
N PHE B 75 19.63 -5.75 -0.95
CA PHE B 75 20.85 -5.04 -1.30
C PHE B 75 20.76 -3.63 -0.74
N VAL B 76 21.83 -3.19 -0.08
CA VAL B 76 21.90 -1.83 0.45
C VAL B 76 23.04 -1.10 -0.23
N PHE B 77 24.25 -1.63 -0.11
CA PHE B 77 25.42 -1.03 -0.75
C PHE B 77 26.35 -2.11 -1.26
N SER B 78 27.09 -1.78 -2.32
CA SER B 78 28.13 -2.63 -2.83
C SER B 78 29.34 -2.54 -1.90
N PRO B 79 30.33 -3.43 -2.06
CA PRO B 79 31.57 -3.27 -1.28
C PRO B 79 32.25 -1.93 -1.52
N ASP B 80 32.31 -1.47 -2.77
CA ASP B 80 32.89 -0.17 -3.06
C ASP B 80 32.12 0.95 -2.37
N GLN B 81 30.78 0.94 -2.49
CA GLN B 81 29.98 1.96 -1.84
C GLN B 81 30.16 1.92 -0.33
N PHE B 82 30.26 0.71 0.24
CA PHE B 82 30.46 0.60 1.68
C PHE B 82 31.82 1.15 2.09
N GLN B 83 32.85 0.89 1.29
CA GLN B 83 34.19 1.37 1.64
C GLN B 83 34.29 2.89 1.48
N ARG B 84 33.68 3.44 0.43
CA ARG B 84 33.67 4.89 0.27
C ARG B 84 32.94 5.56 1.43
N LEU B 85 31.80 5.00 1.84
CA LEU B 85 30.99 5.63 2.88
C LEU B 85 31.70 5.62 4.22
N LEU B 86 32.33 4.50 4.58
CA LEU B 86 33.09 4.42 5.82
C LEU B 86 34.48 5.02 5.69
N LYS B 87 34.88 5.42 4.48
CA LYS B 87 36.18 6.03 4.22
C LYS B 87 37.32 5.08 4.62
N ILE B 88 37.31 3.91 3.99
CA ILE B 88 38.31 2.88 4.25
C ILE B 88 38.82 2.34 2.91
N ASN B 89 39.91 1.62 2.99
CA ASN B 89 40.53 0.96 1.85
C ASN B 89 40.09 -0.49 1.77
N PRO B 90 40.21 -1.12 0.59
CA PRO B 90 39.76 -2.52 0.47
C PRO B 90 40.45 -3.49 1.41
N ASP B 91 41.64 -3.15 1.91
CA ASP B 91 42.39 -4.04 2.80
C ASP B 91 42.20 -3.71 4.27
N TRP B 92 41.33 -2.76 4.61
CA TRP B 92 41.13 -2.37 6.00
C TRP B 92 40.56 -3.54 6.80
N LYS B 93 40.98 -3.65 8.05
CA LYS B 93 40.59 -4.76 8.91
C LYS B 93 40.48 -4.27 10.35
N THR B 94 39.65 -4.95 11.14
CA THR B 94 39.55 -4.71 12.57
C THR B 94 39.01 -5.98 13.22
N HIS B 95 38.69 -5.89 14.51
CA HIS B 95 38.43 -7.10 15.29
C HIS B 95 37.00 -7.61 15.13
N ARG B 96 36.02 -6.88 15.65
CA ARG B 96 34.66 -7.41 15.83
C ARG B 96 33.63 -6.55 15.10
N LEU B 97 32.67 -7.22 14.47
CA LEU B 97 31.50 -6.60 13.88
C LEU B 97 30.24 -7.17 14.52
N LEU B 98 29.26 -6.31 14.75
CA LEU B 98 27.94 -6.72 15.23
C LEU B 98 26.88 -6.15 14.30
N ASP B 99 26.08 -7.03 13.71
CA ASP B 99 25.00 -6.63 12.79
C ASP B 99 23.67 -6.95 13.46
N LEU B 100 22.94 -5.91 13.87
CA LEU B 100 21.67 -6.09 14.54
C LEU B 100 20.55 -6.25 13.51
N GLY B 101 19.73 -7.28 13.67
CA GLY B 101 18.71 -7.60 12.69
C GLY B 101 19.32 -7.95 11.35
N ALA B 102 20.24 -8.91 11.35
CA ALA B 102 21.05 -9.19 10.17
C ALA B 102 20.29 -9.91 9.07
N GLY B 103 19.08 -10.41 9.32
CA GLY B 103 18.34 -11.08 8.26
C GLY B 103 19.04 -12.35 7.82
N ASP B 104 19.10 -12.57 6.51
CA ASP B 104 19.76 -13.73 5.96
C ASP B 104 21.27 -13.54 5.80
N GLY B 105 21.79 -12.35 6.08
CA GLY B 105 23.21 -12.09 6.02
C GLY B 105 23.73 -11.63 4.68
N GLU B 106 22.88 -11.55 3.65
CA GLU B 106 23.36 -11.19 2.32
C GLU B 106 23.84 -9.75 2.26
N VAL B 107 23.40 -8.89 3.17
CA VAL B 107 23.96 -7.55 3.29
C VAL B 107 25.14 -7.54 4.26
N THR B 108 25.05 -8.34 5.33
CA THR B 108 26.14 -8.44 6.28
C THR B 108 27.44 -8.90 5.61
N LYS B 109 27.33 -9.82 4.65
CA LYS B 109 28.52 -10.35 3.99
C LYS B 109 29.26 -9.30 3.17
N ILE B 110 28.60 -8.18 2.85
CA ILE B 110 29.29 -7.10 2.15
C ILE B 110 30.32 -6.45 3.07
N MET B 111 30.02 -6.39 4.38
CA MET B 111 30.93 -5.80 5.36
C MET B 111 31.81 -6.83 6.04
N SER B 112 31.44 -8.11 6.02
CA SER B 112 32.15 -9.10 6.81
C SER B 112 33.62 -9.30 6.47
N PRO B 113 34.10 -9.15 5.22
CA PRO B 113 35.54 -9.35 4.96
C PRO B 113 36.45 -8.41 5.74
N HIS B 114 35.94 -7.27 6.21
CA HIS B 114 36.77 -6.32 6.94
C HIS B 114 36.88 -6.63 8.42
N PHE B 115 36.49 -7.83 8.86
CA PHE B 115 36.44 -8.14 10.28
C PHE B 115 36.94 -9.56 10.52
N GLU B 116 37.46 -9.78 11.73
CA GLU B 116 37.91 -11.10 12.14
C GLU B 116 36.83 -11.89 12.86
N GLU B 117 35.97 -11.22 13.61
CA GLU B 117 34.84 -11.85 14.28
C GLU B 117 33.57 -11.11 13.92
N ILE B 118 32.54 -11.84 13.52
CA ILE B 118 31.26 -11.27 13.11
C ILE B 118 30.18 -11.80 14.04
N TYR B 119 29.46 -10.89 14.70
CA TYR B 119 28.33 -11.23 15.54
C TYR B 119 27.07 -10.64 14.95
N ALA B 120 25.93 -11.23 15.31
CA ALA B 120 24.65 -10.79 14.75
C ALA B 120 23.53 -11.14 15.70
N THR B 121 22.44 -10.38 15.58
CA THR B 121 21.18 -10.68 16.24
C THR B 121 20.07 -10.75 15.19
N GLU B 122 19.04 -11.53 15.48
CA GLU B 122 17.94 -11.72 14.56
C GLU B 122 16.82 -12.45 15.28
N LEU B 123 15.58 -12.00 15.07
CA LEU B 123 14.42 -12.63 15.71
C LEU B 123 13.97 -13.87 14.97
N SER B 124 13.96 -13.84 13.64
CA SER B 124 13.43 -14.94 12.86
C SER B 124 14.31 -16.18 12.99
N GLU B 125 13.69 -17.31 13.30
CA GLU B 125 14.42 -18.56 13.48
C GLU B 125 15.12 -18.99 12.20
N THR B 126 14.38 -18.99 11.09
CA THR B 126 14.96 -19.44 9.82
C THR B 126 16.09 -18.51 9.36
N MET B 127 16.00 -17.22 9.68
CA MET B 127 17.11 -16.32 9.37
C MET B 127 18.32 -16.60 10.23
N ILE B 128 18.11 -17.04 11.48
CA ILE B 128 19.22 -17.44 12.33
C ILE B 128 19.97 -18.61 11.69
N TRP B 129 19.23 -19.55 11.08
CA TRP B 129 19.88 -20.63 10.36
C TRP B 129 20.79 -20.10 9.26
N GLN B 130 20.32 -19.09 8.52
CA GLN B 130 21.12 -18.51 7.44
C GLN B 130 22.40 -17.88 7.99
N LEU B 131 22.29 -17.14 9.09
CA LEU B 131 23.45 -16.48 9.67
C LEU B 131 24.47 -17.49 10.18
N GLN B 132 23.99 -18.60 10.75
CA GLN B 132 24.90 -19.63 11.22
C GLN B 132 25.55 -20.39 10.06
N LYS B 133 24.87 -20.49 8.93
CA LYS B 133 25.50 -21.09 7.75
C LYS B 133 26.67 -20.26 7.26
N LYS B 134 26.59 -18.94 7.44
CA LYS B 134 27.71 -18.04 7.14
C LYS B 134 28.74 -18.00 8.25
N LYS B 135 28.58 -18.84 9.27
CA LYS B 135 29.51 -18.94 10.40
C LYS B 135 29.58 -17.65 11.21
N TYR B 136 28.52 -16.85 11.17
CA TYR B 136 28.37 -15.74 12.11
C TYR B 136 27.96 -16.27 13.47
N ARG B 137 28.42 -15.60 14.53
CA ARG B 137 28.06 -15.97 15.89
C ARG B 137 26.81 -15.17 16.27
N VAL B 138 25.68 -15.86 16.35
CA VAL B 138 24.41 -15.21 16.63
C VAL B 138 24.24 -15.04 18.13
N LEU B 139 23.79 -13.86 18.54
CA LEU B 139 23.59 -13.53 19.94
C LEU B 139 22.12 -13.18 20.18
N GLY B 140 21.69 -13.35 21.43
CA GLY B 140 20.33 -13.00 21.78
C GLY B 140 20.10 -11.50 21.73
N ILE B 141 18.82 -11.14 21.60
CA ILE B 141 18.46 -9.73 21.43
C ILE B 141 18.73 -8.94 22.71
N ASN B 142 18.70 -9.61 23.87
CA ASN B 142 19.06 -9.01 25.15
C ASN B 142 20.38 -9.57 25.68
N GLU B 143 21.24 -10.04 24.78
CA GLU B 143 22.52 -10.64 25.12
C GLU B 143 23.72 -9.87 24.58
N TRP B 144 23.57 -9.19 23.45
CA TRP B 144 24.70 -8.49 22.84
C TRP B 144 25.16 -7.29 23.64
N GLN B 145 24.30 -6.73 24.50
CA GLN B 145 24.68 -5.59 25.32
C GLN B 145 25.52 -5.98 26.52
N ASN B 146 25.47 -7.25 26.93
CA ASN B 146 26.14 -7.72 28.14
C ASN B 146 27.15 -8.81 27.81
N THR B 147 27.94 -8.60 26.75
CA THR B 147 28.91 -9.61 26.32
C THR B 147 30.26 -9.48 27.02
N GLY B 148 30.58 -8.31 27.57
CA GLY B 148 31.87 -8.11 28.19
C GLY B 148 32.80 -7.30 27.33
N PHE B 149 32.93 -7.68 26.06
CA PHE B 149 33.78 -6.94 25.13
C PHE B 149 32.96 -5.91 24.36
N GLN B 150 33.66 -5.09 23.59
CA GLN B 150 33.05 -4.05 22.77
C GLN B 150 33.18 -4.41 21.30
N TYR B 151 32.50 -3.64 20.47
CA TYR B 151 32.45 -3.87 19.03
C TYR B 151 33.03 -2.68 18.29
N ASP B 152 33.83 -2.97 17.25
CA ASP B 152 34.46 -1.91 16.47
C ASP B 152 33.46 -1.22 15.56
N VAL B 153 32.58 -1.99 14.92
CA VAL B 153 31.54 -1.45 14.06
C VAL B 153 30.24 -2.14 14.41
N ILE B 154 29.21 -1.36 14.72
CA ILE B 154 27.87 -1.86 14.97
C ILE B 154 26.98 -1.38 13.84
N SER B 155 26.42 -2.33 13.08
CA SER B 155 25.54 -2.02 11.97
C SER B 155 24.09 -2.26 12.36
N CYS B 156 23.21 -1.36 11.94
CA CYS B 156 21.78 -1.40 12.24
C CYS B 156 21.07 -0.90 10.97
N LEU B 157 20.92 -1.80 10.01
CA LEU B 157 20.42 -1.46 8.69
C LEU B 157 18.94 -1.85 8.61
N ASN B 158 18.07 -0.85 8.47
CA ASN B 158 16.65 -1.06 8.21
C ASN B 158 15.98 -1.84 9.34
N LEU B 159 16.32 -1.50 10.58
CA LEU B 159 15.77 -2.13 11.76
C LEU B 159 14.99 -1.18 12.67
N LEU B 160 15.37 0.10 12.73
CA LEU B 160 14.75 1.02 13.69
C LEU B 160 13.25 1.19 13.44
N ASP B 161 12.82 1.16 12.18
CA ASP B 161 11.39 1.24 11.87
C ASP B 161 10.67 -0.07 12.10
N ARG B 162 11.39 -1.18 12.20
CA ARG B 162 10.81 -2.48 12.51
C ARG B 162 11.02 -2.86 13.97
N CYS B 163 11.49 -1.92 14.79
CA CYS B 163 11.84 -2.15 16.18
C CYS B 163 10.76 -1.62 17.10
N ASP B 164 10.65 -2.23 18.28
CA ASP B 164 9.68 -1.77 19.26
C ASP B 164 10.23 -0.69 20.17
N GLN B 165 11.54 -0.70 20.42
CA GLN B 165 12.19 0.30 21.27
C GLN B 165 13.37 0.89 20.52
N PRO B 166 13.12 1.83 19.61
CA PRO B 166 14.25 2.42 18.86
C PRO B 166 15.17 3.25 19.75
N LEU B 167 14.61 4.01 20.69
CA LEU B 167 15.43 4.82 21.58
C LEU B 167 16.32 3.94 22.45
N THR B 168 15.77 2.88 23.02
CA THR B 168 16.57 1.99 23.86
C THR B 168 17.63 1.27 23.04
N LEU B 169 17.33 0.94 21.79
CA LEU B 169 18.33 0.29 20.93
C LEU B 169 19.49 1.22 20.63
N LEU B 170 19.20 2.49 20.33
CA LEU B 170 20.26 3.44 20.02
C LEU B 170 21.21 3.62 21.21
N LYS B 171 20.67 3.60 22.42
CA LYS B 171 21.50 3.76 23.61
C LYS B 171 22.26 2.49 23.95
N ASP B 172 21.65 1.32 23.72
CA ASP B 172 22.38 0.06 23.92
C ASP B 172 23.55 -0.05 22.96
N ILE B 173 23.41 0.47 21.75
CA ILE B 173 24.51 0.46 20.79
C ILE B 173 25.67 1.29 21.30
N ARG B 174 25.37 2.51 21.78
CA ARG B 174 26.41 3.38 22.30
C ARG B 174 27.07 2.81 23.55
N SER B 175 26.31 2.07 24.36
CA SER B 175 26.84 1.57 25.62
C SER B 175 27.94 0.54 25.42
N VAL B 176 27.95 -0.15 24.28
CA VAL B 176 28.88 -1.24 24.04
C VAL B 176 29.78 -0.99 22.83
N LEU B 177 29.65 0.16 22.18
CA LEU B 177 30.53 0.48 21.06
C LEU B 177 31.92 0.85 21.54
N GLU B 178 32.92 0.56 20.72
CA GLU B 178 34.30 0.92 21.04
C GLU B 178 34.47 2.43 20.92
N PRO B 179 35.05 3.09 21.94
CA PRO B 179 35.07 4.56 21.95
C PRO B 179 36.02 5.21 20.96
N THR B 180 37.25 4.71 20.86
CA THR B 180 38.30 5.41 20.11
C THR B 180 37.99 5.48 18.61
N ARG B 181 37.98 4.33 17.95
CA ARG B 181 37.81 4.28 16.49
C ARG B 181 36.45 3.71 16.08
N GLY B 182 35.57 3.43 17.03
CA GLY B 182 34.32 2.76 16.70
C GLY B 182 33.38 3.66 15.89
N ARG B 183 32.66 3.03 14.97
CA ARG B 183 31.70 3.72 14.12
C ARG B 183 30.41 2.92 14.06
N VAL B 184 29.31 3.63 13.81
CA VAL B 184 28.00 3.03 13.65
C VAL B 184 27.49 3.34 12.25
N ILE B 185 27.13 2.30 11.50
CA ILE B 185 26.50 2.46 10.20
C ILE B 185 25.04 2.07 10.34
N LEU B 186 24.15 2.97 9.90
CA LEU B 186 22.73 2.84 10.11
C LEU B 186 21.98 3.11 8.80
N ALA B 187 20.88 2.40 8.61
CA ALA B 187 20.05 2.58 7.42
C ALA B 187 18.59 2.67 7.83
N LEU B 188 17.83 3.47 7.10
CA LEU B 188 16.44 3.72 7.40
C LEU B 188 15.70 4.05 6.11
N VAL B 189 14.51 3.50 5.97
CA VAL B 189 13.68 3.76 4.80
C VAL B 189 12.87 5.03 5.06
N LEU B 190 12.91 5.96 4.12
CA LEU B 190 12.16 7.19 4.25
C LEU B 190 11.14 7.31 3.12
N PRO B 191 9.93 7.82 3.39
CA PRO B 191 9.42 8.38 4.65
C PRO B 191 9.34 7.38 5.81
N PHE B 192 9.52 7.88 7.03
CA PHE B 192 9.57 7.02 8.20
C PHE B 192 8.17 6.55 8.56
N HIS B 193 7.93 5.24 8.46
CA HIS B 193 6.67 4.61 8.80
C HIS B 193 6.96 3.41 9.69
N PRO B 194 7.06 3.61 11.00
CA PRO B 194 7.42 2.51 11.90
C PRO B 194 6.25 1.57 12.13
N TYR B 195 6.57 0.28 12.27
CA TYR B 195 5.61 -0.74 12.66
C TYR B 195 6.38 -2.01 13.01
N VAL B 196 5.81 -2.79 13.93
CA VAL B 196 6.39 -4.08 14.32
C VAL B 196 5.62 -5.17 13.58
N GLU B 197 6.28 -5.82 12.64
CA GLU B 197 5.63 -6.79 11.78
C GLU B 197 5.40 -8.10 12.53
N ASN B 198 4.20 -8.66 12.36
CA ASN B 198 3.85 -9.92 13.02
C ASN B 198 3.55 -11.00 11.99
N VAL B 199 2.45 -11.73 12.16
CA VAL B 199 2.14 -12.91 11.36
C VAL B 199 0.89 -12.62 10.54
N GLY B 200 0.97 -12.88 9.24
CA GLY B 200 -0.20 -12.79 8.37
C GLY B 200 -0.65 -11.40 8.02
N GLY B 201 0.29 -10.50 7.71
CA GLY B 201 -0.06 -9.12 7.45
C GLY B 201 -0.52 -8.36 8.68
N LYS B 202 -0.19 -8.85 9.86
CA LYS B 202 -0.54 -8.19 11.11
C LYS B 202 0.59 -7.28 11.56
N TRP B 203 0.23 -6.18 12.22
CA TRP B 203 1.22 -5.21 12.66
C TRP B 203 0.75 -4.56 13.95
N GLU B 204 1.72 -4.04 14.71
CA GLU B 204 1.45 -3.29 15.92
C GLU B 204 2.35 -2.05 15.94
N LYS B 205 1.89 -1.02 16.63
CA LYS B 205 2.66 0.21 16.73
C LYS B 205 3.85 0.00 17.65
N PRO B 206 4.96 0.68 17.39
CA PRO B 206 6.12 0.58 18.28
C PRO B 206 5.86 1.28 19.60
N SER B 207 6.55 0.80 20.65
CA SER B 207 6.38 1.38 21.97
C SER B 207 6.97 2.79 22.05
N GLU B 208 8.15 2.99 21.47
CA GLU B 208 8.84 4.27 21.51
C GLU B 208 8.76 4.94 20.15
N ILE B 209 8.39 6.21 20.15
CA ILE B 209 8.17 6.97 18.92
C ILE B 209 9.40 7.82 18.64
N LEU B 210 9.93 7.71 17.43
CA LEU B 210 10.98 8.59 16.93
C LEU B 210 10.35 9.70 16.11
N GLU B 211 10.75 10.94 16.37
CA GLU B 211 10.12 12.10 15.73
C GLU B 211 10.89 12.42 14.45
N ILE B 212 10.49 11.78 13.37
CA ILE B 212 11.04 12.03 12.04
C ILE B 212 9.93 12.72 11.24
N LYS B 213 10.06 14.03 11.05
CA LYS B 213 9.04 14.83 10.39
C LYS B 213 9.60 15.41 9.09
N GLY B 214 8.76 15.41 8.06
CA GLY B 214 9.12 15.99 6.79
C GLY B 214 8.23 15.55 5.64
N GLN B 215 8.07 16.41 4.63
CA GLN B 215 7.27 16.09 3.46
C GLN B 215 8.11 15.63 2.28
N ASN B 216 9.44 15.72 2.37
CA ASN B 216 10.32 15.19 1.34
C ASN B 216 11.44 14.41 2.01
N TRP B 217 12.28 13.80 1.19
CA TRP B 217 13.40 13.00 1.72
C TRP B 217 14.37 13.88 2.50
N GLU B 218 14.51 15.14 2.12
CA GLU B 218 15.50 16.02 2.74
C GLU B 218 15.04 16.55 4.10
N GLU B 219 13.73 16.86 4.22
CA GLU B 219 13.23 17.40 5.48
C GLU B 219 13.23 16.35 6.59
N GLN B 220 13.08 15.08 6.23
CA GLN B 220 13.09 14.03 7.25
C GLN B 220 14.50 13.72 7.72
N VAL B 221 15.50 13.81 6.83
CA VAL B 221 16.89 13.66 7.26
C VAL B 221 17.28 14.83 8.15
N ASN B 222 16.67 16.00 7.94
CA ASN B 222 17.00 17.18 8.74
C ASN B 222 16.67 16.98 10.22
N SER B 223 15.62 16.22 10.52
CA SER B 223 15.21 15.98 11.90
C SER B 223 16.01 14.88 12.58
N LEU B 224 16.95 14.25 11.88
CA LEU B 224 17.68 13.10 12.40
C LEU B 224 18.87 13.46 13.29
N PRO B 225 19.63 14.53 13.00
CA PRO B 225 20.73 14.88 13.92
C PRO B 225 20.28 15.12 15.35
N GLU B 226 19.08 15.67 15.56
CA GLU B 226 18.57 15.84 16.92
C GLU B 226 18.31 14.51 17.60
N VAL B 227 17.92 13.49 16.84
CA VAL B 227 17.66 12.19 17.44
C VAL B 227 18.97 11.48 17.74
N PHE B 228 19.97 11.63 16.86
CA PHE B 228 21.24 10.93 17.06
C PHE B 228 22.03 11.53 18.21
N ARG B 229 21.92 12.85 18.44
CA ARG B 229 22.67 13.45 19.55
C ARG B 229 22.11 13.01 20.90
N LYS B 230 20.82 12.71 20.98
CA LYS B 230 20.23 12.23 22.23
C LYS B 230 20.83 10.89 22.64
N ALA B 231 21.28 10.10 21.68
CA ALA B 231 21.94 8.82 21.96
C ALA B 231 23.46 8.92 21.99
N GLY B 232 24.02 10.09 21.68
CA GLY B 232 25.45 10.26 21.72
C GLY B 232 26.16 9.93 20.42
N PHE B 233 25.65 10.45 19.30
CA PHE B 233 26.25 10.21 18.00
C PHE B 233 26.17 11.48 17.16
N VAL B 234 27.00 11.52 16.12
CA VAL B 234 26.99 12.62 15.16
C VAL B 234 27.20 12.02 13.77
N ILE B 235 26.49 12.57 12.78
CA ILE B 235 26.52 12.05 11.42
C ILE B 235 27.88 12.38 10.82
N GLU B 236 28.72 11.36 10.64
CA GLU B 236 30.01 11.55 9.97
C GLU B 236 29.83 11.66 8.45
N ALA B 237 28.95 10.84 7.89
CA ALA B 237 28.65 10.88 6.47
C ALA B 237 27.32 10.18 6.24
N PHE B 238 26.63 10.58 5.16
CA PHE B 238 25.36 9.94 4.83
C PHE B 238 25.09 10.10 3.35
N THR B 239 24.34 9.14 2.80
CA THR B 239 24.05 9.10 1.38
C THR B 239 22.65 8.55 1.16
N ARG B 240 22.19 8.64 -0.09
CA ARG B 240 20.90 8.10 -0.50
C ARG B 240 21.14 6.89 -1.38
N LEU B 241 20.56 5.76 -0.98
CA LEU B 241 20.75 4.51 -1.70
C LEU B 241 19.41 3.80 -1.90
N PRO B 242 19.21 3.14 -3.03
CA PRO B 242 17.99 2.35 -3.24
C PRO B 242 18.08 1.04 -2.45
N TYR B 243 17.08 0.81 -1.60
CA TYR B 243 16.97 -0.44 -0.85
C TYR B 243 16.33 -1.47 -1.78
N LEU B 244 17.16 -2.38 -2.29
CA LEU B 244 16.73 -3.30 -3.34
C LEU B 244 16.38 -4.66 -2.75
N CYS B 245 15.40 -5.31 -3.35
CA CYS B 245 14.91 -6.61 -2.90
C CYS B 245 14.61 -7.48 -4.10
N GLU B 246 14.97 -8.77 -4.00
CA GLU B 246 14.70 -9.69 -5.09
C GLU B 246 13.19 -9.79 -5.33
N GLY B 247 12.83 -10.19 -6.55
CA GLY B 247 11.48 -10.10 -7.04
C GLY B 247 10.72 -11.42 -6.96
N ASP B 248 9.66 -11.50 -7.76
CA ASP B 248 8.76 -12.65 -7.76
C ASP B 248 8.16 -12.79 -9.16
N MET B 249 6.98 -13.42 -9.22
CA MET B 249 6.31 -13.66 -10.49
C MET B 249 5.88 -12.39 -11.20
N TYR B 250 5.75 -11.27 -10.48
CA TYR B 250 5.16 -10.07 -11.03
C TYR B 250 6.16 -8.95 -11.27
N ASN B 251 7.24 -8.90 -10.51
CA ASN B 251 8.26 -7.88 -10.68
C ASN B 251 9.63 -8.51 -10.56
N ASP B 252 10.55 -8.07 -11.42
CA ASP B 252 11.91 -8.60 -11.38
C ASP B 252 12.61 -8.24 -10.08
N TYR B 253 12.24 -7.12 -9.47
CA TYR B 253 12.81 -6.68 -8.20
C TYR B 253 11.92 -5.58 -7.64
N TYR B 254 12.20 -5.21 -6.38
CA TYR B 254 11.51 -4.12 -5.70
C TYR B 254 12.55 -3.17 -5.13
N VAL B 255 12.14 -1.93 -4.92
CA VAL B 255 13.06 -0.88 -4.49
C VAL B 255 12.39 -0.01 -3.45
N LEU B 256 13.14 0.29 -2.39
CA LEU B 256 12.75 1.27 -1.38
C LEU B 256 13.83 2.34 -1.32
N ASP B 257 13.52 3.42 -0.58
CA ASP B 257 14.36 4.60 -0.53
C ASP B 257 15.09 4.62 0.81
N ASP B 258 16.38 4.31 0.79
CA ASP B 258 17.17 4.19 2.00
C ASP B 258 17.98 5.47 2.26
N ALA B 259 18.20 5.75 3.54
CA ALA B 259 19.11 6.80 3.99
C ALA B 259 20.13 6.14 4.90
N VAL B 260 21.36 6.01 4.41
CA VAL B 260 22.42 5.28 5.11
C VAL B 260 23.36 6.29 5.76
N PHE B 261 23.65 6.10 7.04
CA PHE B 261 24.45 7.02 7.82
C PHE B 261 25.67 6.31 8.40
N VAL B 262 26.74 7.06 8.60
CA VAL B 262 27.89 6.62 9.39
C VAL B 262 27.97 7.52 10.61
N LEU B 263 27.94 6.93 11.80
CA LEU B 263 27.83 7.69 13.05
C LEU B 263 29.11 7.56 13.86
N LYS B 264 29.56 8.70 14.38
CA LYS B 264 30.70 8.78 15.28
C LYS B 264 30.20 9.03 16.70
N PRO B 265 30.70 8.30 17.69
CA PRO B 265 30.19 8.46 19.06
C PRO B 265 30.67 9.77 19.68
N VAL B 266 29.78 10.39 20.44
CA VAL B 266 30.11 11.60 21.20
C VAL B 266 29.54 11.51 22.60
#